data_6SBT
#
_entry.id   6SBT
#
_cell.length_a   89.275
_cell.length_b   89.275
_cell.length_c   156.321
_cell.angle_alpha   90.000
_cell.angle_beta   90.000
_cell.angle_gamma   120.000
#
_symmetry.space_group_name_H-M   'H 3 2'
#
loop_
_entity.id
_entity.type
_entity.pdbx_description
1 polymer 'Glutamate receptor ionotropic, kainate 1'
2 non-polymer 'SULFATE ION'
3 non-polymer ~{N}-[7-imidazol-1-yl-2,3-bis(oxidanylidene)-6-(trifluoromethyl)-4~{H}-quinoxalin-1-yl]benzamide
4 non-polymer 'CHLORIDE ION'
5 non-polymer GLYCEROL
6 water water
#
_entity_poly.entity_id   1
_entity_poly.type   'polypeptide(L)'
_entity_poly.pdbx_seq_one_letter_code
;GANRTLIVTTILEEPYVMYRKSDKPLYGNDRFEGYCLDLLKELSNILGFLYDVKLVPDGKYGAQNDKGEWNGMVKELIDH
RADLAVAPLTITYVREKVIDFSKPFMTLGISILYRKGTPIDSADDLAKQTKIEYGAVRDGSTMTFFKKSKISTYEKMWAF
MSSRQQSALVKNSDEGIQRVLTTDYALLMESTSIEYVTQRNCNLTQIGGLIDSKGYGVGTPIGSPYRDKITIAILQLQEE
GKLHMMKEKWWRGNGCP
;
_entity_poly.pdbx_strand_id   A
#
# COMPACT_ATOMS: atom_id res chain seq x y z
N ARG A 4 -10.98 15.91 -22.50
CA ARG A 4 -9.55 15.92 -22.80
C ARG A 4 -8.72 15.62 -21.55
N THR A 5 -9.02 16.34 -20.47
CA THR A 5 -8.32 16.19 -19.22
C THR A 5 -8.92 15.03 -18.44
N LEU A 6 -8.15 13.96 -18.29
CA LEU A 6 -8.61 12.82 -17.51
C LEU A 6 -8.72 13.19 -16.04
N ILE A 7 -9.72 12.62 -15.36
CA ILE A 7 -9.86 12.77 -13.91
C ILE A 7 -9.17 11.58 -13.25
N VAL A 8 -8.24 11.85 -12.35
CA VAL A 8 -7.49 10.82 -11.64
C VAL A 8 -7.91 10.87 -10.18
N THR A 9 -8.54 9.80 -9.71
CA THR A 9 -8.85 9.66 -8.31
C THR A 9 -7.67 9.04 -7.58
N THR A 10 -7.38 9.57 -6.39
CA THR A 10 -6.29 9.04 -5.58
C THR A 10 -6.65 9.25 -4.12
N ILE A 11 -5.70 8.94 -3.24
CA ILE A 11 -5.96 8.94 -1.81
C ILE A 11 -4.68 9.35 -1.08
N LEU A 12 -4.82 10.16 -0.05
CA LEU A 12 -3.66 10.54 0.75
C LEU A 12 -3.08 9.31 1.41
N GLU A 13 -1.79 9.05 1.16
CA GLU A 13 -1.12 7.87 1.67
C GLU A 13 0.39 8.03 1.51
N GLU A 14 1.10 8.08 2.63
CA GLU A 14 2.54 8.33 2.58
C GLU A 14 3.29 7.06 2.17
N PRO A 15 4.28 7.19 1.27
CA PRO A 15 4.75 8.37 0.54
C PRO A 15 4.19 8.45 -0.87
N TYR A 16 3.02 7.84 -1.08
CA TYR A 16 2.44 7.77 -2.42
C TYR A 16 1.81 9.09 -2.83
N VAL A 17 0.97 9.66 -1.96
CA VAL A 17 0.30 10.92 -2.21
C VAL A 17 0.29 11.72 -0.92
N MET A 18 0.85 12.91 -0.96
CA MET A 18 0.95 13.77 0.21
C MET A 18 0.66 15.20 -0.21
N TYR A 19 0.16 15.99 0.73
CA TYR A 19 0.05 17.43 0.50
C TYR A 19 1.46 18.03 0.43
N ARG A 20 1.70 18.80 -0.62
CA ARG A 20 2.97 19.49 -0.75
C ARG A 20 3.06 20.64 0.25
N LYS A 21 4.17 20.70 1.00
CA LYS A 21 4.33 21.73 2.00
C LYS A 21 4.58 23.07 1.35
N SER A 22 3.85 24.09 1.77
CA SER A 22 3.91 25.40 1.15
C SER A 22 3.61 26.47 2.19
N ASP A 23 4.15 27.67 1.95
CA ASP A 23 3.89 28.82 2.79
C ASP A 23 2.66 29.61 2.34
N LYS A 24 1.98 29.17 1.28
CA LYS A 24 0.75 29.78 0.83
C LYS A 24 -0.17 28.68 0.31
N PRO A 25 -1.49 28.90 0.32
CA PRO A 25 -2.40 27.86 -0.17
C PRO A 25 -2.17 27.54 -1.64
N LEU A 26 -2.14 26.25 -1.95
N LEU A 26 -2.06 26.26 -1.94
CA LEU A 26 -2.03 25.76 -3.31
CA LEU A 26 -1.76 25.80 -3.29
C LEU A 26 -3.38 25.25 -3.81
C LEU A 26 -3.03 25.34 -3.99
N TYR A 27 -3.49 25.06 -5.12
N TYR A 27 -2.96 25.27 -5.32
CA TYR A 27 -4.81 24.95 -5.72
CA TYR A 27 -4.11 24.97 -6.14
C TYR A 27 -4.98 23.79 -6.71
C TYR A 27 -3.74 23.96 -7.21
N GLY A 28 -3.96 23.46 -7.49
N GLY A 28 -4.71 23.14 -7.59
CA GLY A 28 -4.11 22.43 -8.51
CA GLY A 28 -4.51 22.17 -8.65
C GLY A 28 -3.40 21.13 -8.18
C GLY A 28 -3.66 20.99 -8.22
N ASN A 29 -3.00 20.39 -9.21
CA ASN A 29 -2.18 19.20 -8.98
C ASN A 29 -0.92 19.53 -8.18
N ASP A 30 -0.49 20.80 -8.20
CA ASP A 30 0.68 21.23 -7.43
C ASP A 30 0.46 21.13 -5.93
N ARG A 31 -0.78 20.89 -5.48
CA ARG A 31 -1.04 20.65 -4.07
C ARG A 31 -0.45 19.32 -3.60
N PHE A 32 -0.23 18.38 -4.51
CA PHE A 32 0.13 17.02 -4.15
C PHE A 32 1.51 16.68 -4.67
N GLU A 33 2.14 15.72 -3.99
CA GLU A 33 3.43 15.18 -4.39
C GLU A 33 3.51 13.75 -3.90
N GLY A 34 4.47 13.01 -4.43
CA GLY A 34 4.70 11.64 -3.97
C GLY A 34 4.98 10.68 -5.10
N TYR A 35 5.21 9.41 -4.74
CA TYR A 35 5.51 8.39 -5.72
C TYR A 35 4.44 8.31 -6.80
N CYS A 36 3.16 8.29 -6.39
CA CYS A 36 2.08 8.10 -7.36
C CYS A 36 1.88 9.32 -8.24
N LEU A 37 2.21 10.52 -7.75
CA LEU A 37 2.17 11.70 -8.60
C LEU A 37 3.28 11.64 -9.66
N ASP A 38 4.47 11.17 -9.27
CA ASP A 38 5.53 10.99 -10.25
C ASP A 38 5.18 9.92 -11.26
N LEU A 39 4.57 8.82 -10.81
CA LEU A 39 4.14 7.78 -11.74
C LEU A 39 3.11 8.32 -12.72
N LEU A 40 2.14 9.09 -12.22
CA LEU A 40 1.14 9.68 -13.10
C LEU A 40 1.77 10.60 -14.14
N LYS A 41 2.80 11.34 -13.75
CA LYS A 41 3.47 12.24 -14.68
C LYS A 41 4.18 11.46 -15.78
N GLU A 42 4.82 10.34 -15.43
CA GLU A 42 5.46 9.50 -16.44
C GLU A 42 4.42 8.91 -17.38
N LEU A 43 3.36 8.31 -16.84
CA LEU A 43 2.28 7.79 -17.66
C LEU A 43 1.75 8.86 -18.61
N SER A 44 1.52 10.08 -18.09
CA SER A 44 0.96 11.13 -18.91
C SER A 44 1.90 11.51 -20.06
N ASN A 45 3.20 11.33 -19.88
CA ASN A 45 4.16 11.66 -20.91
C ASN A 45 4.44 10.51 -21.87
N ILE A 46 4.14 9.27 -21.46
CA ILE A 46 4.30 8.13 -22.37
C ILE A 46 3.07 7.98 -23.26
N LEU A 47 1.88 8.06 -22.68
CA LEU A 47 0.65 7.89 -23.43
C LEU A 47 0.11 9.19 -23.98
N GLY A 48 0.48 10.33 -23.39
CA GLY A 48 0.04 11.62 -23.89
C GLY A 48 -1.37 11.98 -23.45
N PHE A 49 -1.50 12.49 -22.23
CA PHE A 49 -2.80 12.96 -21.76
C PHE A 49 -2.61 14.01 -20.68
N LEU A 50 -3.60 14.87 -20.55
CA LEU A 50 -3.71 15.81 -19.45
C LEU A 50 -4.53 15.18 -18.33
N TYR A 51 -4.19 15.54 -17.09
CA TYR A 51 -4.86 14.94 -15.94
C TYR A 51 -5.16 15.99 -14.89
N ASP A 52 -6.23 15.74 -14.14
CA ASP A 52 -6.65 16.56 -13.01
C ASP A 52 -6.81 15.63 -11.82
N VAL A 53 -6.00 15.83 -10.78
CA VAL A 53 -6.01 14.95 -9.62
C VAL A 53 -7.13 15.37 -8.69
N LYS A 54 -7.92 14.41 -8.23
CA LYS A 54 -9.01 14.65 -7.29
C LYS A 54 -8.99 13.57 -6.22
N LEU A 55 -8.86 13.97 -4.96
CA LEU A 55 -8.85 13.02 -3.86
C LEU A 55 -10.21 12.35 -3.73
N VAL A 56 -10.21 11.04 -3.50
CA VAL A 56 -11.44 10.28 -3.32
C VAL A 56 -12.23 10.93 -2.19
N PRO A 57 -13.48 11.36 -2.42
CA PRO A 57 -14.17 12.18 -1.41
C PRO A 57 -14.27 11.53 -0.04
N ASP A 58 -14.48 10.21 0.04
CA ASP A 58 -14.62 9.54 1.32
C ASP A 58 -13.31 9.01 1.88
N GLY A 59 -12.19 9.22 1.18
CA GLY A 59 -10.91 8.76 1.68
C GLY A 59 -10.80 7.26 1.86
N LYS A 60 -11.45 6.48 0.99
CA LYS A 60 -11.44 5.03 1.08
C LYS A 60 -10.89 4.44 -0.21
N TYR A 61 -10.25 3.27 -0.09
CA TYR A 61 -9.73 2.58 -1.27
C TYR A 61 -10.86 1.97 -2.09
N GLY A 62 -11.77 1.26 -1.43
CA GLY A 62 -12.92 0.68 -2.10
C GLY A 62 -13.29 -0.69 -1.59
N ALA A 63 -14.39 -0.76 -0.85
CA ALA A 63 -14.91 -2.01 -0.32
C ALA A 63 -16.42 -2.02 -0.50
N GLN A 64 -17.02 -3.16 -0.23
CA GLN A 64 -18.46 -3.33 -0.32
C GLN A 64 -19.08 -3.34 1.08
N ASN A 65 -20.25 -2.72 1.21
CA ASN A 65 -20.99 -2.78 2.45
C ASN A 65 -21.83 -4.06 2.48
N ASP A 66 -22.63 -4.22 3.54
CA ASP A 66 -23.43 -5.42 3.69
C ASP A 66 -24.33 -5.68 2.49
N LYS A 67 -24.69 -4.64 1.73
CA LYS A 67 -25.59 -4.78 0.60
C LYS A 67 -24.86 -4.90 -0.74
N GLY A 68 -23.54 -5.04 -0.72
CA GLY A 68 -22.77 -5.15 -1.94
C GLY A 68 -22.52 -3.83 -2.65
N GLU A 69 -22.83 -2.71 -2.01
CA GLU A 69 -22.60 -1.40 -2.60
C GLU A 69 -21.15 -0.98 -2.38
N TRP A 70 -20.51 -0.48 -3.44
CA TRP A 70 -19.10 -0.12 -3.40
C TRP A 70 -18.91 1.31 -2.93
N ASN A 71 -17.69 1.61 -2.46
CA ASN A 71 -17.32 2.96 -2.04
C ASN A 71 -15.90 3.23 -2.52
N GLY A 72 -15.34 4.34 -2.06
CA GLY A 72 -13.93 4.65 -2.29
C GLY A 72 -13.62 4.88 -3.76
N MET A 73 -12.35 4.62 -4.10
CA MET A 73 -11.89 4.86 -5.46
C MET A 73 -12.53 3.91 -6.47
N VAL A 74 -12.84 2.68 -6.04
CA VAL A 74 -13.53 1.74 -6.93
C VAL A 74 -14.87 2.31 -7.37
N LYS A 75 -15.62 2.90 -6.44
CA LYS A 75 -16.92 3.46 -6.79
C LYS A 75 -16.78 4.62 -7.77
N GLU A 76 -15.75 5.45 -7.59
CA GLU A 76 -15.51 6.55 -8.52
C GLU A 76 -15.30 6.03 -9.94
N LEU A 77 -14.57 4.91 -10.08
CA LEU A 77 -14.36 4.32 -11.40
C LEU A 77 -15.65 3.67 -11.91
N ILE A 78 -16.30 2.87 -11.07
CA ILE A 78 -17.56 2.24 -11.45
C ILE A 78 -18.55 3.27 -11.97
N ASP A 79 -18.65 4.41 -11.29
CA ASP A 79 -19.60 5.44 -11.65
C ASP A 79 -19.06 6.42 -12.69
N HIS A 80 -17.86 6.17 -13.21
CA HIS A 80 -17.27 7.01 -14.26
C HIS A 80 -17.15 8.48 -13.81
N ARG A 81 -16.93 8.69 -12.51
CA ARG A 81 -16.53 9.99 -12.01
C ARG A 81 -15.02 10.16 -12.01
N ALA A 82 -14.28 9.14 -12.45
CA ALA A 82 -12.83 9.21 -12.59
C ALA A 82 -12.41 8.26 -13.70
N ASP A 83 -11.38 8.68 -14.45
CA ASP A 83 -10.89 7.88 -15.56
C ASP A 83 -9.81 6.91 -15.14
N LEU A 84 -9.00 7.28 -14.14
CA LEU A 84 -7.93 6.45 -13.63
C LEU A 84 -7.88 6.58 -12.12
N ALA A 85 -7.43 5.51 -11.48
CA ALA A 85 -7.09 5.55 -10.06
C ALA A 85 -5.60 5.23 -9.95
N VAL A 86 -4.80 6.26 -9.69
CA VAL A 86 -3.36 6.11 -9.55
C VAL A 86 -3.03 6.21 -8.08
N ALA A 87 -2.96 5.07 -7.42
CA ALA A 87 -2.85 5.00 -5.97
C ALA A 87 -2.35 3.62 -5.60
N PRO A 88 -1.92 3.43 -4.34
CA PRO A 88 -1.59 2.07 -3.89
C PRO A 88 -2.85 1.23 -3.74
N LEU A 89 -3.54 0.97 -4.84
CA LEU A 89 -4.80 0.25 -4.84
C LEU A 89 -4.53 -1.23 -5.10
N THR A 90 -4.88 -2.08 -4.15
CA THR A 90 -4.52 -3.48 -4.18
C THR A 90 -5.37 -4.25 -5.18
N ILE A 91 -4.71 -5.10 -5.97
CA ILE A 91 -5.39 -5.93 -6.96
C ILE A 91 -6.01 -7.11 -6.22
N THR A 92 -7.34 -7.19 -6.19
CA THR A 92 -8.05 -8.21 -5.45
C THR A 92 -9.13 -8.84 -6.33
N TYR A 93 -9.58 -10.02 -5.89
CA TYR A 93 -10.60 -10.76 -6.62
C TYR A 93 -11.90 -9.98 -6.71
N VAL A 94 -12.39 -9.43 -5.59
CA VAL A 94 -13.68 -8.77 -5.59
C VAL A 94 -13.63 -7.50 -6.43
N ARG A 95 -12.50 -6.78 -6.40
CA ARG A 95 -12.38 -5.55 -7.17
C ARG A 95 -12.24 -5.81 -8.67
N GLU A 96 -11.42 -6.80 -9.03
CA GLU A 96 -11.19 -7.12 -10.43
C GLU A 96 -12.49 -7.43 -11.18
N LYS A 97 -13.55 -7.80 -10.46
CA LYS A 97 -14.82 -8.13 -11.10
C LYS A 97 -15.63 -6.90 -11.50
N VAL A 98 -15.30 -5.72 -10.98
CA VAL A 98 -16.06 -4.52 -11.28
C VAL A 98 -15.20 -3.41 -11.89
N ILE A 99 -13.88 -3.48 -11.78
CA ILE A 99 -12.99 -2.51 -12.40
C ILE A 99 -11.86 -3.27 -13.09
N ASP A 100 -11.14 -2.55 -13.95
CA ASP A 100 -9.93 -3.07 -14.59
C ASP A 100 -8.70 -2.64 -13.81
N PHE A 101 -7.71 -3.52 -13.78
CA PHE A 101 -6.41 -3.23 -13.18
C PHE A 101 -5.32 -3.38 -14.22
N SER A 102 -4.37 -2.45 -14.20
CA SER A 102 -3.13 -2.68 -14.91
C SER A 102 -2.31 -3.74 -14.18
N LYS A 103 -1.27 -4.25 -14.84
CA LYS A 103 -0.30 -5.06 -14.13
C LYS A 103 0.27 -4.24 -12.98
N PRO A 104 0.66 -4.88 -11.88
CA PRO A 104 1.08 -4.12 -10.70
C PRO A 104 2.32 -3.27 -10.99
N PHE A 105 2.26 -2.01 -10.56
CA PHE A 105 3.45 -1.16 -10.59
C PHE A 105 4.32 -1.36 -9.36
N MET A 106 3.82 -2.07 -8.35
CA MET A 106 4.58 -2.37 -7.15
C MET A 106 4.00 -3.63 -6.54
N THR A 107 4.87 -4.57 -6.19
CA THR A 107 4.48 -5.82 -5.59
C THR A 107 5.05 -5.89 -4.17
N LEU A 108 4.30 -6.51 -3.27
CA LEU A 108 4.64 -6.48 -1.86
C LEU A 108 3.97 -7.65 -1.15
N GLY A 109 4.34 -7.85 0.10
CA GLY A 109 3.70 -8.84 0.93
C GLY A 109 3.94 -8.54 2.39
N ILE A 110 3.50 -9.46 3.23
CA ILE A 110 3.73 -9.34 4.67
C ILE A 110 5.15 -9.78 4.98
N SER A 111 5.87 -8.98 5.75
CA SER A 111 7.21 -9.32 6.20
C SER A 111 7.33 -8.92 7.67
N ILE A 112 8.53 -9.01 8.20
CA ILE A 112 8.79 -8.85 9.63
C ILE A 112 9.75 -7.69 9.83
N LEU A 113 9.31 -6.68 10.59
CA LEU A 113 10.17 -5.59 11.02
C LEU A 113 10.73 -5.90 12.39
N TYR A 114 12.04 -5.79 12.56
CA TYR A 114 12.65 -6.15 13.82
C TYR A 114 14.05 -5.53 13.91
N ARG A 115 14.72 -5.77 15.03
CA ARG A 115 16.04 -5.22 15.30
C ARG A 115 17.12 -5.98 14.53
N LYS A 116 18.26 -5.32 14.36
CA LYS A 116 19.39 -5.92 13.68
C LYS A 116 20.23 -6.76 14.64
N GLY A 117 20.82 -7.81 14.12
CA GLY A 117 21.73 -8.64 14.90
C GLY A 117 21.06 -9.59 15.87
N THR A 118 19.91 -10.14 15.51
CA THR A 118 19.18 -11.03 16.41
C THR A 118 19.04 -12.43 15.80
N PRO A 119 19.05 -13.48 16.62
CA PRO A 119 18.84 -14.83 16.08
C PRO A 119 17.63 -14.96 15.16
N ILE A 120 16.62 -14.11 15.34
CA ILE A 120 15.40 -14.22 14.53
C ILE A 120 15.76 -14.10 13.06
N ASP A 121 15.07 -14.89 12.22
CA ASP A 121 15.42 -14.91 10.80
C ASP A 121 14.27 -15.31 9.87
N SER A 122 13.04 -15.48 10.37
CA SER A 122 11.97 -15.94 9.49
C SER A 122 10.65 -15.94 10.27
N ALA A 123 9.56 -16.18 9.55
CA ALA A 123 8.25 -16.35 10.17
C ALA A 123 8.15 -17.69 10.89
N ASP A 124 8.93 -18.68 10.46
CA ASP A 124 8.94 -19.97 11.14
C ASP A 124 9.50 -19.84 12.56
N ASP A 125 10.48 -18.96 12.75
CA ASP A 125 11.13 -18.83 14.05
C ASP A 125 10.26 -18.05 15.04
N LEU A 126 9.57 -17.00 14.57
CA LEU A 126 8.71 -16.24 15.46
C LEU A 126 7.53 -17.07 15.94
N ALA A 127 7.05 -18.02 15.13
CA ALA A 127 5.85 -18.77 15.45
C ALA A 127 6.06 -19.77 16.58
N LYS A 128 7.32 -20.14 16.87
CA LYS A 128 7.60 -21.21 17.82
C LYS A 128 8.22 -20.72 19.12
N GLN A 129 8.43 -19.42 19.27
CA GLN A 129 8.89 -18.84 20.53
C GLN A 129 7.82 -17.90 21.06
N THR A 130 7.84 -17.70 22.38
CA THR A 130 6.85 -16.85 23.04
C THR A 130 7.51 -15.76 23.88
N LYS A 131 8.80 -15.49 23.67
CA LYS A 131 9.49 -14.44 24.40
C LYS A 131 9.37 -13.09 23.71
N ILE A 132 9.73 -13.02 22.43
CA ILE A 132 9.57 -11.78 21.66
C ILE A 132 8.10 -11.64 21.30
N GLU A 133 7.48 -10.56 21.78
CA GLU A 133 6.09 -10.29 21.46
C GLU A 133 5.97 -9.79 20.03
N TYR A 134 5.10 -10.43 19.25
CA TYR A 134 4.95 -10.08 17.85
C TYR A 134 3.46 -10.03 17.50
N GLY A 135 3.11 -9.06 16.68
CA GLY A 135 1.74 -8.89 16.25
C GLY A 135 1.71 -8.01 15.01
N ALA A 136 0.58 -7.33 14.83
CA ALA A 136 0.40 -6.48 13.66
C ALA A 136 -0.50 -5.32 14.05
N VAL A 137 -0.71 -4.41 13.10
CA VAL A 137 -1.62 -3.29 13.30
C VAL A 137 -3.04 -3.83 13.40
N ARG A 138 -3.71 -3.53 14.51
CA ARG A 138 -5.10 -3.93 14.69
C ARG A 138 -5.93 -3.49 13.49
N ASP A 139 -6.76 -4.39 12.99
CA ASP A 139 -7.76 -4.12 11.96
C ASP A 139 -7.15 -3.75 10.62
N GLY A 140 -5.85 -3.99 10.41
CA GLY A 140 -5.22 -3.73 9.14
C GLY A 140 -5.31 -4.94 8.22
N SER A 141 -4.75 -4.77 7.02
CA SER A 141 -4.76 -5.87 6.05
C SER A 141 -3.95 -7.05 6.56
N THR A 142 -2.77 -6.79 7.14
CA THR A 142 -1.97 -7.87 7.70
C THR A 142 -2.73 -8.65 8.75
N MET A 143 -3.31 -7.94 9.73
CA MET A 143 -4.12 -8.61 10.73
C MET A 143 -5.28 -9.37 10.09
N THR A 144 -5.95 -8.74 9.13
CA THR A 144 -7.07 -9.38 8.46
C THR A 144 -6.64 -10.66 7.76
N PHE A 145 -5.42 -10.66 7.20
CA PHE A 145 -4.92 -11.88 6.57
C PHE A 145 -4.77 -13.00 7.59
N PHE A 146 -4.09 -12.72 8.70
CA PHE A 146 -3.85 -13.76 9.70
C PHE A 146 -5.15 -14.26 10.30
N LYS A 147 -6.11 -13.37 10.51
CA LYS A 147 -7.37 -13.76 11.14
C LYS A 147 -8.20 -14.65 10.23
N LYS A 148 -8.23 -14.35 8.93
CA LYS A 148 -9.04 -15.10 7.98
C LYS A 148 -8.33 -16.31 7.40
N SER A 149 -7.03 -16.46 7.62
CA SER A 149 -6.27 -17.51 6.95
C SER A 149 -6.73 -18.89 7.39
N LYS A 150 -6.78 -19.80 6.43
CA LYS A 150 -7.00 -21.22 6.68
C LYS A 150 -5.70 -22.01 6.72
N ILE A 151 -4.57 -21.37 6.42
CA ILE A 151 -3.28 -22.04 6.49
C ILE A 151 -2.93 -22.30 7.95
N SER A 152 -2.56 -23.54 8.25
CA SER A 152 -2.40 -23.96 9.65
C SER A 152 -1.40 -23.08 10.37
N THR A 153 -0.22 -22.85 9.77
CA THR A 153 0.82 -22.11 10.46
C THR A 153 0.38 -20.66 10.74
N TYR A 154 -0.38 -20.07 9.82
CA TYR A 154 -0.85 -18.71 10.00
C TYR A 154 -2.01 -18.65 10.99
N GLU A 155 -2.84 -19.69 11.05
CA GLU A 155 -3.81 -19.79 12.13
C GLU A 155 -3.12 -19.81 13.48
N LYS A 156 -1.97 -20.48 13.56
CA LYS A 156 -1.25 -20.56 14.83
C LYS A 156 -0.68 -19.21 15.24
N MET A 157 -0.09 -18.48 14.30
CA MET A 157 0.43 -17.14 14.63
C MET A 157 -0.71 -16.18 14.97
N TRP A 158 -1.88 -16.35 14.35
CA TRP A 158 -3.03 -15.52 14.69
C TRP A 158 -3.50 -15.81 16.11
N ALA A 159 -3.61 -17.09 16.47
CA ALA A 159 -4.01 -17.44 17.83
C ALA A 159 -3.11 -16.77 18.86
N PHE A 160 -1.80 -16.73 18.60
CA PHE A 160 -0.88 -16.09 19.54
C PHE A 160 -1.12 -14.60 19.64
N MET A 161 -1.02 -13.89 18.50
CA MET A 161 -1.08 -12.44 18.55
C MET A 161 -2.45 -11.93 18.98
N SER A 162 -3.50 -12.73 18.86
CA SER A 162 -4.82 -12.36 19.34
C SER A 162 -5.13 -12.92 20.73
N SER A 163 -4.13 -13.49 21.39
CA SER A 163 -4.29 -13.97 22.75
C SER A 163 -3.99 -12.85 23.75
N ARG A 164 -4.31 -13.09 25.01
CA ARG A 164 -4.06 -12.13 26.08
C ARG A 164 -4.67 -10.77 25.74
N GLN A 165 -5.99 -10.79 25.49
CA GLN A 165 -6.73 -9.58 25.10
C GLN A 165 -6.11 -8.89 23.89
N GLN A 166 -5.38 -9.65 23.07
CA GLN A 166 -4.78 -9.12 21.84
C GLN A 166 -3.72 -8.06 22.15
N SER A 167 -3.02 -8.19 23.28
CA SER A 167 -2.04 -7.21 23.68
C SER A 167 -0.90 -7.08 22.68
N ALA A 168 -0.65 -8.12 21.88
CA ALA A 168 0.45 -8.10 20.91
C ALA A 168 0.16 -7.20 19.71
N LEU A 169 -1.04 -6.66 19.59
CA LEU A 169 -1.41 -5.82 18.46
C LEU A 169 -1.26 -4.35 18.81
N VAL A 170 -1.27 -3.52 17.76
CA VAL A 170 -1.10 -2.08 17.90
C VAL A 170 -2.16 -1.36 17.07
N LYS A 171 -2.44 -0.12 17.45
CA LYS A 171 -3.53 0.62 16.81
C LYS A 171 -3.19 1.03 15.38
N ASN A 172 -1.96 1.53 15.17
CA ASN A 172 -1.57 1.98 13.84
C ASN A 172 -0.09 1.66 13.64
N SER A 173 0.38 1.94 12.41
CA SER A 173 1.78 1.65 12.07
C SER A 173 2.73 2.50 12.91
N ASP A 174 2.44 3.79 13.05
CA ASP A 174 3.31 4.67 13.84
C ASP A 174 3.48 4.13 15.25
N GLU A 175 2.38 3.88 15.95
CA GLU A 175 2.47 3.30 17.29
C GLU A 175 3.19 1.96 17.25
N GLY A 176 2.96 1.16 16.22
CA GLY A 176 3.70 -0.06 16.05
C GLY A 176 5.19 0.19 15.92
N ILE A 177 5.56 1.12 15.04
CA ILE A 177 6.98 1.47 14.86
C ILE A 177 7.59 1.85 16.19
N GLN A 178 6.96 2.79 16.91
CA GLN A 178 7.52 3.24 18.19
C GLN A 178 7.61 2.09 19.18
N ARG A 179 6.69 1.12 19.10
CA ARG A 179 6.78 -0.05 19.96
C ARG A 179 7.95 -0.94 19.56
N VAL A 180 8.30 -0.97 18.28
CA VAL A 180 9.43 -1.78 17.83
C VAL A 180 10.75 -1.18 18.32
N LEU A 181 10.85 0.15 18.32
CA LEU A 181 12.08 0.81 18.73
C LEU A 181 12.27 0.79 20.24
N THR A 182 11.18 0.77 21.01
CA THR A 182 11.25 1.01 22.45
C THR A 182 11.22 -0.28 23.28
N THR A 183 10.67 -1.37 22.75
CA THR A 183 10.56 -2.60 23.51
C THR A 183 10.93 -3.79 22.62
N ASP A 184 11.01 -4.97 23.24
CA ASP A 184 11.30 -6.21 22.53
C ASP A 184 10.04 -6.65 21.81
N TYR A 185 9.82 -6.06 20.63
CA TYR A 185 8.59 -6.28 19.87
C TYR A 185 8.92 -6.39 18.39
N ALA A 186 8.27 -7.34 17.72
CA ALA A 186 8.46 -7.57 16.28
C ALA A 186 7.14 -7.32 15.57
N LEU A 187 7.18 -6.51 14.53
CA LEU A 187 5.98 -6.09 13.82
C LEU A 187 5.83 -6.84 12.51
N LEU A 188 4.61 -7.30 12.23
CA LEU A 188 4.24 -7.87 10.94
C LEU A 188 3.41 -6.84 10.18
N MET A 189 3.89 -6.44 9.00
CA MET A 189 3.14 -5.50 8.17
C MET A 189 3.70 -5.55 6.75
N GLU A 190 3.24 -4.63 5.91
CA GLU A 190 3.59 -4.64 4.50
C GLU A 190 5.09 -4.41 4.32
N SER A 191 5.66 -5.11 3.34
CA SER A 191 7.08 -4.99 3.05
C SER A 191 7.45 -3.59 2.60
N THR A 192 6.55 -2.92 1.87
CA THR A 192 6.81 -1.53 1.47
C THR A 192 6.90 -0.63 2.69
N SER A 193 5.95 -0.76 3.62
CA SER A 193 5.98 0.04 4.83
C SER A 193 7.23 -0.23 5.64
N ILE A 194 7.61 -1.50 5.77
CA ILE A 194 8.84 -1.85 6.48
C ILE A 194 10.04 -1.20 5.82
N GLU A 195 10.09 -1.24 4.48
CA GLU A 195 11.21 -0.64 3.77
C GLU A 195 11.29 0.86 4.03
N TYR A 196 10.14 1.51 4.20
CA TYR A 196 10.13 2.92 4.60
C TYR A 196 10.70 3.10 5.99
N VAL A 197 10.58 2.09 6.85
CA VAL A 197 11.05 2.18 8.22
C VAL A 197 12.55 1.95 8.29
N THR A 198 13.02 0.87 7.67
CA THR A 198 14.44 0.53 7.73
C THR A 198 15.31 1.67 7.23
N GLN A 199 14.79 2.51 6.33
CA GLN A 199 15.57 3.60 5.79
C GLN A 199 15.73 4.74 6.79
N ARG A 200 14.78 4.90 7.71
CA ARG A 200 14.83 5.97 8.69
C ARG A 200 15.29 5.53 10.07
N ASN A 201 15.16 4.24 10.39
CA ASN A 201 15.62 3.69 11.66
C ASN A 201 16.70 2.66 11.34
N CYS A 202 17.95 3.11 11.28
CA CYS A 202 19.05 2.26 10.87
C CYS A 202 19.30 1.11 11.83
N ASN A 203 18.72 1.15 13.04
CA ASN A 203 18.80 0.03 13.97
C ASN A 203 17.74 -1.03 13.71
N LEU A 204 17.07 -0.98 12.56
CA LEU A 204 16.02 -1.93 12.21
C LEU A 204 16.28 -2.52 10.83
N THR A 205 15.71 -3.70 10.60
CA THR A 205 15.91 -4.45 9.36
C THR A 205 14.62 -5.16 9.00
N GLN A 206 14.62 -5.79 7.82
CA GLN A 206 13.53 -6.66 7.39
C GLN A 206 13.96 -8.11 7.56
N ILE A 207 13.13 -8.90 8.24
CA ILE A 207 13.42 -10.29 8.56
C ILE A 207 12.63 -11.17 7.60
N GLY A 208 13.34 -11.96 6.80
CA GLY A 208 12.71 -12.97 5.98
C GLY A 208 12.12 -12.45 4.68
N GLY A 209 11.27 -13.28 4.09
CA GLY A 209 10.66 -13.01 2.80
C GLY A 209 9.27 -12.45 2.93
N LEU A 210 8.41 -12.78 1.95
CA LEU A 210 7.06 -12.23 1.87
C LEU A 210 6.01 -13.31 2.11
N ILE A 211 4.99 -12.96 2.88
CA ILE A 211 3.76 -13.73 2.96
C ILE A 211 2.68 -12.94 2.24
N ASP A 212 1.71 -13.66 1.67
CA ASP A 212 0.51 -13.04 1.13
C ASP A 212 0.87 -11.99 0.07
N SER A 213 1.53 -12.46 -0.99
CA SER A 213 1.95 -11.57 -2.06
C SER A 213 0.75 -10.86 -2.68
N LYS A 214 0.97 -9.62 -3.11
CA LYS A 214 -0.05 -8.84 -3.79
C LYS A 214 0.62 -7.66 -4.48
N GLY A 215 -0.15 -6.95 -5.28
CA GLY A 215 0.38 -5.86 -6.07
C GLY A 215 -0.54 -4.66 -6.07
N TYR A 216 0.07 -3.49 -6.21
CA TYR A 216 -0.67 -2.25 -6.43
C TYR A 216 -0.76 -1.97 -7.93
N GLY A 217 -1.96 -1.80 -8.43
CA GLY A 217 -2.16 -1.48 -9.82
C GLY A 217 -2.96 -0.22 -10.05
N VAL A 218 -2.87 0.34 -11.25
CA VAL A 218 -3.69 1.49 -11.64
C VAL A 218 -5.08 0.97 -12.03
N GLY A 219 -6.11 1.53 -11.40
CA GLY A 219 -7.47 1.11 -11.67
C GLY A 219 -8.12 1.96 -12.76
N THR A 220 -8.94 1.32 -13.56
CA THR A 220 -9.69 1.98 -14.62
C THR A 220 -11.07 1.36 -14.70
N PRO A 221 -12.05 2.10 -15.24
CA PRO A 221 -13.37 1.48 -15.46
C PRO A 221 -13.28 0.34 -16.46
N ILE A 222 -14.09 -0.69 -16.24
CA ILE A 222 -14.09 -1.83 -17.16
C ILE A 222 -14.39 -1.34 -18.57
N GLY A 223 -13.66 -1.87 -19.53
CA GLY A 223 -13.76 -1.43 -20.91
C GLY A 223 -12.93 -0.20 -21.23
N SER A 224 -12.02 0.21 -20.35
CA SER A 224 -11.23 1.40 -20.62
C SER A 224 -10.12 1.08 -21.61
N PRO A 225 -9.89 1.94 -22.60
CA PRO A 225 -8.74 1.72 -23.52
C PRO A 225 -7.40 1.93 -22.85
N TYR A 226 -7.35 2.55 -21.67
CA TYR A 226 -6.08 2.85 -21.02
C TYR A 226 -5.51 1.68 -20.24
N ARG A 227 -6.28 0.62 -19.98
CA ARG A 227 -5.74 -0.49 -19.20
C ARG A 227 -4.53 -1.10 -19.89
N ASP A 228 -4.69 -1.50 -21.15
CA ASP A 228 -3.58 -2.09 -21.89
C ASP A 228 -2.44 -1.09 -22.06
N LYS A 229 -2.76 0.17 -22.37
CA LYS A 229 -1.73 1.19 -22.52
C LYS A 229 -0.91 1.33 -21.25
N ILE A 230 -1.58 1.40 -20.09
CA ILE A 230 -0.89 1.66 -18.84
C ILE A 230 -0.05 0.44 -18.43
N THR A 231 -0.60 -0.76 -18.62
CA THR A 231 0.19 -1.97 -18.36
C THR A 231 1.50 -1.92 -19.13
N ILE A 232 1.43 -1.63 -20.42
CA ILE A 232 2.64 -1.56 -21.25
C ILE A 232 3.59 -0.51 -20.69
N ALA A 233 3.07 0.67 -20.35
CA ALA A 233 3.94 1.75 -19.88
C ALA A 233 4.59 1.40 -18.55
N ILE A 234 3.84 0.76 -17.65
CA ILE A 234 4.39 0.37 -16.35
C ILE A 234 5.54 -0.61 -16.54
N LEU A 235 5.35 -1.62 -17.40
CA LEU A 235 6.41 -2.59 -17.66
C LEU A 235 7.59 -1.91 -18.33
N GLN A 236 7.33 -1.00 -19.26
CA GLN A 236 8.40 -0.19 -19.85
C GLN A 236 9.20 0.54 -18.77
N LEU A 237 8.51 1.23 -17.87
CA LEU A 237 9.19 1.93 -16.79
C LEU A 237 9.96 0.96 -15.90
N GLN A 238 9.38 -0.19 -15.60
CA GLN A 238 10.07 -1.18 -14.77
C GLN A 238 11.35 -1.64 -15.45
N GLU A 239 11.26 -2.02 -16.73
CA GLU A 239 12.44 -2.48 -17.45
C GLU A 239 13.55 -1.44 -17.44
N GLU A 240 13.18 -0.16 -17.58
CA GLU A 240 14.16 0.91 -17.66
C GLU A 240 14.74 1.28 -16.30
N GLY A 241 14.29 0.65 -15.21
CA GLY A 241 14.76 0.97 -13.89
C GLY A 241 14.18 2.22 -13.28
N LYS A 242 13.26 2.90 -13.99
CA LYS A 242 12.74 4.16 -13.49
C LYS A 242 11.86 3.97 -12.26
N LEU A 243 11.11 2.87 -12.19
CA LEU A 243 10.30 2.62 -11.00
C LEU A 243 11.19 2.45 -9.76
N HIS A 244 12.32 1.77 -9.91
CA HIS A 244 13.27 1.69 -8.81
C HIS A 244 13.78 3.07 -8.42
N MET A 245 14.02 3.94 -9.40
CA MET A 245 14.41 5.32 -9.11
C MET A 245 13.32 6.02 -8.30
N MET A 246 12.06 5.94 -8.76
CA MET A 246 10.97 6.60 -8.06
C MET A 246 10.85 6.09 -6.63
N LYS A 247 10.90 4.76 -6.45
CA LYS A 247 10.76 4.21 -5.11
C LYS A 247 11.89 4.67 -4.20
N GLU A 248 13.14 4.60 -4.68
CA GLU A 248 14.26 5.03 -3.87
C GLU A 248 14.14 6.50 -3.48
N LYS A 249 13.55 7.32 -4.36
CA LYS A 249 13.42 8.75 -4.05
C LYS A 249 12.54 8.97 -2.83
N TRP A 250 11.36 8.35 -2.81
CA TRP A 250 10.37 8.62 -1.78
C TRP A 250 10.51 7.71 -0.56
N TRP A 251 11.41 6.72 -0.60
CA TRP A 251 11.63 5.82 0.52
C TRP A 251 12.96 6.02 1.22
N ARG A 252 13.97 6.57 0.56
CA ARG A 252 15.30 6.64 1.15
C ARG A 252 15.31 7.53 2.39
#